data_3PX8
#
_entry.id   3PX8
#
_cell.length_a   42.662
_cell.length_b   67.567
_cell.length_c   49.410
_cell.angle_alpha   90.000
_cell.angle_beta   112.780
_cell.angle_gamma   90.000
#
_symmetry.space_group_name_H-M   'P 1 21 1'
#
loop_
_entity.id
_entity.type
_entity.pdbx_description
1 polymer Preproricin
2 non-polymer '2-amino-4-oxo-1,4-dihydropteridine-7-carboxylic acid'
3 water water
#
_entity_poly.entity_id   1
_entity_poly.type   'polypeptide(L)'
_entity_poly.pdbx_seq_one_letter_code
;KQYPIINFTTAGATVQSYTNFIRAVRGRLTTGADVRHEIPVLPNRVGLPINQRFILVELSNHAELSVTLALDVTNAYVVG
YRAGNSAYFFHPDNQEDAEAITHLFTDVQNRYTFAFGGNYDRLEQLAGNLRENIELGNGPLEEAISALYYYSTGGTQLPT
LARSFIICIQMISEAARFQYIEGEMRTRIRYNRRSAPDPSVITLENSWGRLSTAIQESNQGAFASPIQLQRRNGSKFSVY
DVSILIPIIALMVYRCAP
;
_entity_poly.pdbx_strand_id   X
#
# COMPACT_ATOMS: atom_id res chain seq x y z
N LYS A 1 15.95 3.44 -16.61
CA LYS A 1 16.03 4.94 -16.46
C LYS A 1 14.61 5.44 -16.24
N GLN A 2 13.68 4.51 -16.33
CA GLN A 2 12.31 4.83 -16.12
C GLN A 2 11.74 3.78 -15.24
N TYR A 3 11.13 4.21 -14.12
CA TYR A 3 10.54 3.25 -13.19
C TYR A 3 9.38 2.51 -13.86
N PRO A 4 9.20 1.25 -13.54
CA PRO A 4 8.07 0.48 -14.12
C PRO A 4 6.70 1.08 -13.75
N ILE A 5 5.73 1.01 -14.62
CA ILE A 5 4.39 1.51 -14.34
C ILE A 5 3.40 0.40 -14.48
N ILE A 6 2.49 0.31 -13.49
CA ILE A 6 1.36 -0.63 -13.50
C ILE A 6 0.10 0.24 -13.55
N ASN A 7 -0.81 -0.01 -14.49
CA ASN A 7 -2.07 0.74 -14.60
C ASN A 7 -3.26 0.03 -14.04
N PHE A 8 -4.20 0.74 -13.45
CA PHE A 8 -5.51 0.20 -13.05
C PHE A 8 -6.51 1.21 -13.27
N THR A 9 -7.68 0.82 -13.75
CA THR A 9 -8.84 1.74 -13.81
C THR A 9 -10.01 1.22 -12.98
N THR A 10 -10.71 2.13 -12.32
CA THR A 10 -11.96 1.79 -11.59
C THR A 10 -13.09 1.70 -12.66
N ALA A 11 -12.92 2.19 -13.87
CA ALA A 11 -14.04 2.17 -14.84
C ALA A 11 -14.30 0.79 -15.34
N GLY A 12 -15.45 0.18 -14.96
CA GLY A 12 -15.71 -1.18 -15.33
C GLY A 12 -14.87 -2.20 -14.60
N ALA A 13 -14.34 -1.83 -13.44
CA ALA A 13 -13.41 -2.77 -12.74
C ALA A 13 -14.13 -4.05 -12.35
N THR A 14 -13.42 -5.16 -12.42
CA THR A 14 -13.96 -6.49 -12.07
C THR A 14 -13.01 -7.15 -11.06
N VAL A 15 -13.48 -8.24 -10.51
CA VAL A 15 -12.65 -9.08 -9.69
C VAL A 15 -11.38 -9.44 -10.44
N GLN A 16 -11.53 -9.86 -11.68
CA GLN A 16 -10.35 -10.25 -12.47
C GLN A 16 -9.40 -9.11 -12.75
N SER A 17 -9.93 -7.97 -13.13
CA SER A 17 -9.00 -6.87 -13.48
C SER A 17 -8.28 -6.38 -12.26
N TYR A 18 -8.89 -6.41 -11.09
CA TYR A 18 -8.21 -5.98 -9.86
C TYR A 18 -7.21 -7.06 -9.48
N THR A 19 -7.55 -8.38 -9.60
CA THR A 19 -6.60 -9.44 -9.35
C THR A 19 -5.36 -9.30 -10.23
N ASN A 20 -5.59 -9.02 -11.47
CA ASN A 20 -4.47 -8.87 -12.40
C ASN A 20 -3.57 -7.72 -12.01
N PHE A 21 -4.19 -6.60 -11.57
CA PHE A 21 -3.48 -5.40 -11.12
C PHE A 21 -2.60 -5.70 -9.93
N ILE A 22 -3.19 -6.28 -8.87
CA ILE A 22 -2.39 -6.59 -7.70
C ILE A 22 -1.23 -7.54 -7.98
N ARG A 23 -1.51 -8.52 -8.83
CA ARG A 23 -0.51 -9.50 -9.22
C ARG A 23 0.68 -8.81 -9.91
N ALA A 24 0.38 -7.87 -10.78
CA ALA A 24 1.41 -7.14 -11.46
C ALA A 24 2.19 -6.24 -10.50
N VAL A 25 1.50 -5.59 -9.55
CA VAL A 25 2.23 -4.79 -8.52
C VAL A 25 3.20 -5.60 -7.76
N ARG A 26 2.74 -6.78 -7.29
CA ARG A 26 3.66 -7.63 -6.54
C ARG A 26 4.89 -8.06 -7.37
N GLY A 27 4.62 -8.34 -8.65
CA GLY A 27 5.77 -8.71 -9.51
C GLY A 27 6.73 -7.61 -9.79
N ARG A 28 6.33 -6.33 -9.68
CA ARG A 28 7.29 -5.24 -9.80
C ARG A 28 7.89 -4.86 -8.49
N LEU A 29 7.27 -5.17 -7.35
CA LEU A 29 7.82 -4.78 -6.03
C LEU A 29 9.02 -5.61 -5.72
N THR A 30 9.01 -6.85 -6.17
CA THR A 30 10.18 -7.74 -5.86
C THR A 30 10.36 -8.76 -6.91
N THR A 31 11.62 -9.17 -7.03
CA THR A 31 11.92 -10.21 -8.02
C THR A 31 11.49 -11.55 -7.52
N GLY A 32 11.32 -11.70 -6.21
CA GLY A 32 10.97 -12.97 -5.63
C GLY A 32 12.11 -13.94 -5.61
N ALA A 33 13.33 -13.48 -5.86
CA ALA A 33 14.50 -14.34 -5.62
C ALA A 33 14.76 -14.66 -4.12
N ASP A 34 14.35 -13.82 -3.16
CA ASP A 34 14.58 -14.00 -1.72
C ASP A 34 13.23 -14.42 -1.17
N VAL A 35 13.15 -15.66 -0.70
CA VAL A 35 11.93 -16.22 -0.17
C VAL A 35 12.28 -16.91 1.15
N ARG A 36 11.49 -16.72 2.22
CA ARG A 36 11.77 -17.32 3.51
C ARG A 36 10.52 -18.05 3.95
N HIS A 37 10.62 -19.37 4.15
CA HIS A 37 9.50 -20.24 4.60
C HIS A 37 8.37 -20.08 3.60
N GLU A 38 8.70 -19.98 2.29
CA GLU A 38 7.83 -19.82 1.15
C GLU A 38 7.27 -18.40 0.93
N ILE A 39 7.54 -17.45 1.84
CA ILE A 39 6.99 -16.06 1.70
C ILE A 39 8.05 -15.17 1.06
N PRO A 40 7.72 -14.51 -0.07
CA PRO A 40 8.71 -13.63 -0.69
C PRO A 40 9.05 -12.40 0.20
N VAL A 41 10.29 -11.98 0.09
CA VAL A 41 10.82 -10.79 0.70
C VAL A 41 11.04 -9.68 -0.27
N LEU A 42 10.74 -8.45 0.14
CA LEU A 42 11.01 -7.29 -0.71
C LEU A 42 12.50 -6.97 -0.64
N PRO A 43 13.02 -6.20 -1.59
CA PRO A 43 14.48 -5.94 -1.57
C PRO A 43 14.92 -5.20 -0.29
N ASN A 44 16.11 -5.47 0.12
CA ASN A 44 16.74 -4.82 1.23
C ASN A 44 17.03 -3.35 0.85
N ARG A 45 16.61 -2.39 1.67
CA ARG A 45 16.95 -0.96 1.44
C ARG A 45 18.48 -0.77 1.37
N VAL A 46 19.24 -1.52 2.18
CA VAL A 46 20.72 -1.26 2.28
C VAL A 46 21.37 -1.57 0.97
N GLY A 47 21.98 -0.55 0.37
CA GLY A 47 22.62 -0.85 -0.92
C GLY A 47 21.74 -0.94 -2.16
N LEU A 48 20.42 -0.63 -2.06
CA LEU A 48 19.59 -0.72 -3.24
C LEU A 48 19.80 0.55 -4.13
N PRO A 49 20.09 0.35 -5.44
CA PRO A 49 20.42 1.54 -6.25
C PRO A 49 19.12 2.29 -6.48
N ILE A 50 19.26 3.60 -6.62
CA ILE A 50 18.10 4.49 -6.78
C ILE A 50 17.30 4.16 -8.02
N ASN A 51 17.89 3.66 -9.08
CA ASN A 51 17.16 3.33 -10.26
C ASN A 51 16.31 2.05 -10.11
N GLN A 52 16.45 1.42 -8.93
CA GLN A 52 15.62 0.24 -8.66
C GLN A 52 14.67 0.51 -7.49
N ARG A 53 14.55 1.75 -7.03
CA ARG A 53 13.98 2.02 -5.72
C ARG A 53 12.44 2.18 -5.74
N PHE A 54 11.84 2.54 -6.86
CA PHE A 54 10.43 2.88 -6.89
C PHE A 54 9.72 2.18 -8.02
N ILE A 55 8.42 2.04 -7.90
CA ILE A 55 7.52 1.72 -8.99
C ILE A 55 6.35 2.68 -9.05
N LEU A 56 5.71 2.80 -10.16
CA LEU A 56 4.67 3.82 -10.34
C LEU A 56 3.34 3.08 -10.57
N VAL A 57 2.27 3.53 -9.98
CA VAL A 57 0.93 2.93 -10.12
C VAL A 57 0.02 3.99 -10.69
N GLU A 58 -0.34 3.93 -11.94
CA GLU A 58 -1.22 4.90 -12.57
C GLU A 58 -2.67 4.48 -12.42
N LEU A 59 -3.46 5.31 -11.84
CA LEU A 59 -4.85 5.06 -11.54
C LEU A 59 -5.72 5.94 -12.39
N SER A 60 -6.72 5.41 -13.01
CA SER A 60 -7.70 6.19 -13.80
C SER A 60 -9.09 5.83 -13.36
N ASN A 61 -10.04 6.73 -13.53
CA ASN A 61 -11.40 6.46 -13.15
C ASN A 61 -12.36 6.69 -14.33
N HIS A 62 -13.63 6.38 -14.07
CA HIS A 62 -14.75 6.62 -14.89
C HIS A 62 -14.87 8.13 -15.19
N ALA A 63 -14.59 9.03 -14.24
CA ALA A 63 -14.64 10.51 -14.44
C ALA A 63 -13.53 10.95 -15.43
N GLU A 64 -12.70 10.03 -15.95
CA GLU A 64 -11.66 10.24 -16.98
C GLU A 64 -10.36 11.02 -16.45
N LEU A 65 -10.15 10.84 -15.15
CA LEU A 65 -9.03 11.48 -14.45
C LEU A 65 -7.99 10.43 -14.09
N SER A 66 -6.73 10.83 -14.14
CA SER A 66 -5.63 9.94 -13.85
C SER A 66 -4.67 10.50 -12.89
N VAL A 67 -4.22 9.75 -11.91
CA VAL A 67 -3.11 10.16 -11.04
C VAL A 67 -2.09 9.02 -10.97
N THR A 68 -0.85 9.32 -10.65
CA THR A 68 0.16 8.25 -10.53
C THR A 68 0.75 8.25 -9.17
N LEU A 69 0.61 7.15 -8.43
CA LEU A 69 1.29 7.00 -7.16
C LEU A 69 2.72 6.54 -7.31
N ALA A 70 3.59 6.86 -6.43
CA ALA A 70 4.96 6.25 -6.42
C ALA A 70 5.04 5.39 -5.17
N LEU A 71 5.45 4.12 -5.37
CA LEU A 71 5.66 3.21 -4.21
C LEU A 71 7.09 2.89 -4.02
N ASP A 72 7.56 2.84 -2.82
CA ASP A 72 8.95 2.46 -2.43
C ASP A 72 9.01 0.93 -2.46
N VAL A 73 9.88 0.29 -3.23
CA VAL A 73 9.89 -1.17 -3.31
C VAL A 73 10.36 -1.81 -2.05
N THR A 74 11.00 -1.06 -1.16
CA THR A 74 11.55 -1.72 0.03
C THR A 74 10.45 -2.04 1.03
N ASN A 75 9.34 -1.34 0.96
CA ASN A 75 8.27 -1.51 1.97
C ASN A 75 6.89 -1.37 1.36
N ALA A 76 6.77 -1.24 0.07
CA ALA A 76 5.51 -0.98 -0.68
C ALA A 76 4.83 0.34 -0.27
N TYR A 77 5.48 1.24 0.49
CA TYR A 77 4.81 2.47 0.92
C TYR A 77 4.54 3.39 -0.21
N VAL A 78 3.37 4.06 -0.17
CA VAL A 78 3.14 5.18 -1.08
C VAL A 78 3.91 6.39 -0.57
N VAL A 79 4.85 6.90 -1.37
CA VAL A 79 5.67 8.05 -0.98
C VAL A 79 5.19 9.38 -1.50
N GLY A 80 4.32 9.34 -2.49
CA GLY A 80 3.88 10.62 -3.08
C GLY A 80 3.09 10.33 -4.33
N TYR A 81 2.67 11.29 -5.11
CA TYR A 81 1.91 11.11 -6.31
C TYR A 81 2.07 12.25 -7.32
N ARG A 82 1.69 12.06 -8.52
CA ARG A 82 1.63 13.09 -9.54
C ARG A 82 0.24 13.19 -10.12
N ALA A 83 -0.21 14.39 -10.40
CA ALA A 83 -1.42 14.61 -11.19
C ALA A 83 -1.08 15.74 -12.20
N GLY A 84 -0.92 15.40 -13.47
CA GLY A 84 -0.52 16.31 -14.52
C GLY A 84 0.69 17.11 -14.16
N ASN A 85 0.49 18.44 -13.90
CA ASN A 85 1.69 19.29 -13.81
C ASN A 85 2.16 19.55 -12.37
N SER A 86 1.65 18.78 -11.40
CA SER A 86 2.03 18.86 -9.99
C SER A 86 2.30 17.49 -9.38
N ALA A 87 3.27 17.43 -8.52
CA ALA A 87 3.53 16.21 -7.75
C ALA A 87 3.74 16.55 -6.30
N TYR A 88 3.30 15.65 -5.39
CA TYR A 88 3.29 15.91 -3.97
C TYR A 88 3.94 14.72 -3.26
N PHE A 89 4.74 14.95 -2.23
CA PHE A 89 5.41 13.84 -1.52
C PHE A 89 5.20 13.99 -0.05
N PHE A 90 5.01 12.92 0.68
CA PHE A 90 4.95 12.96 2.14
C PHE A 90 6.27 13.40 2.65
N HIS A 91 6.26 14.10 3.85
CA HIS A 91 7.53 14.53 4.37
C HIS A 91 8.43 13.32 4.62
N PRO A 92 9.65 13.29 4.11
CA PRO A 92 10.53 12.08 4.28
C PRO A 92 11.00 11.92 5.70
N ASP A 93 11.24 10.66 6.07
CA ASP A 93 11.69 10.37 7.47
C ASP A 93 13.21 10.65 7.64
N ASN A 94 13.96 10.82 6.55
CA ASN A 94 15.42 10.97 6.66
C ASN A 94 15.95 11.60 5.39
N GLN A 95 17.21 12.03 5.41
CA GLN A 95 17.79 12.80 4.34
C GLN A 95 17.99 11.89 3.12
N GLU A 96 18.28 10.61 3.32
CA GLU A 96 18.49 9.73 2.21
C GLU A 96 17.17 9.54 1.41
N ASP A 97 16.06 9.42 2.13
CA ASP A 97 14.76 9.31 1.47
C ASP A 97 14.42 10.61 0.78
N ALA A 98 14.75 11.75 1.41
CA ALA A 98 14.47 13.03 0.72
C ALA A 98 15.26 13.12 -0.56
N GLU A 99 16.51 12.60 -0.56
CA GLU A 99 17.28 12.64 -1.81
C GLU A 99 16.67 11.65 -2.84
N ALA A 100 16.23 10.46 -2.40
CA ALA A 100 15.77 9.44 -3.33
C ALA A 100 14.53 9.95 -4.11
N ILE A 101 13.63 10.69 -3.41
CA ILE A 101 12.40 11.09 -4.04
C ILE A 101 12.58 12.21 -5.07
N THR A 102 13.77 12.83 -5.06
CA THR A 102 14.10 13.79 -6.12
C THR A 102 14.20 13.13 -7.46
N HIS A 103 14.33 11.78 -7.52
CA HIS A 103 14.46 11.08 -8.79
C HIS A 103 13.09 10.65 -9.30
N LEU A 104 11.99 11.03 -8.60
CA LEU A 104 10.61 10.71 -9.05
C LEU A 104 10.04 11.89 -9.81
N PHE A 105 9.32 11.64 -10.85
CA PHE A 105 8.56 12.71 -11.55
C PHE A 105 9.43 13.87 -11.98
N THR A 106 10.59 13.61 -12.52
CA THR A 106 11.61 14.68 -12.65
C THR A 106 11.23 15.81 -13.57
N ASP A 107 10.32 15.57 -14.49
CA ASP A 107 9.86 16.54 -15.50
C ASP A 107 8.62 17.32 -15.04
N VAL A 108 8.08 17.04 -13.86
CA VAL A 108 6.87 17.73 -13.44
C VAL A 108 7.09 19.23 -13.24
N GLN A 109 6.14 20.06 -13.61
CA GLN A 109 6.42 21.47 -13.50
C GLN A 109 6.48 21.99 -12.14
N ASN A 110 5.72 21.39 -11.23
CA ASN A 110 5.58 21.87 -9.88
C ASN A 110 5.76 20.70 -8.86
N ARG A 111 6.71 20.77 -7.93
CA ARG A 111 6.91 19.73 -6.93
C ARG A 111 6.62 20.32 -5.55
N TYR A 112 6.04 19.49 -4.65
CA TYR A 112 5.79 19.99 -3.32
C TYR A 112 6.03 18.82 -2.34
N THR A 113 6.61 19.06 -1.19
CA THR A 113 6.66 18.14 -0.06
C THR A 113 5.73 18.58 0.97
N PHE A 114 4.75 17.79 1.39
CA PHE A 114 3.81 18.08 2.47
C PHE A 114 4.55 18.27 3.76
N ALA A 115 3.98 19.09 4.64
CA ALA A 115 4.51 19.26 5.99
C ALA A 115 4.48 17.97 6.83
N PHE A 116 3.42 17.17 6.56
CA PHE A 116 3.19 15.92 7.25
C PHE A 116 3.76 14.70 6.55
N GLY A 117 4.04 13.76 7.41
CA GLY A 117 4.37 12.38 6.95
C GLY A 117 3.12 11.60 6.52
N GLY A 118 3.37 10.41 5.97
CA GLY A 118 2.32 9.58 5.35
C GLY A 118 1.89 8.35 6.11
N ASN A 119 2.30 8.20 7.36
CA ASN A 119 1.91 6.99 8.11
C ASN A 119 0.42 7.04 8.40
N TYR A 120 -0.21 5.92 8.73
CA TYR A 120 -1.62 5.94 9.05
C TYR A 120 -1.97 6.88 10.18
N ASP A 121 -1.19 6.83 11.27
CA ASP A 121 -1.60 7.67 12.41
C ASP A 121 -1.75 9.16 12.05
N ARG A 122 -0.80 9.68 11.31
CA ARG A 122 -0.87 11.09 10.88
C ARG A 122 -1.92 11.30 9.90
N LEU A 123 -2.13 10.37 8.93
CA LEU A 123 -3.21 10.54 7.98
C LEU A 123 -4.58 10.50 8.55
N GLU A 124 -4.76 9.60 9.54
CA GLU A 124 -6.05 9.51 10.23
C GLU A 124 -6.33 10.84 10.99
N GLN A 125 -5.32 11.38 11.65
CA GLN A 125 -5.50 12.69 12.34
C GLN A 125 -5.92 13.73 11.33
N LEU A 126 -5.26 13.81 10.17
CA LEU A 126 -5.60 14.79 9.14
C LEU A 126 -6.97 14.53 8.61
N ALA A 127 -7.33 13.27 8.37
CA ALA A 127 -8.64 12.95 7.84
C ALA A 127 -9.79 13.23 8.82
N GLY A 128 -9.49 13.25 10.11
CA GLY A 128 -10.57 13.31 11.11
C GLY A 128 -11.29 12.00 11.28
N ASN A 129 -10.73 10.88 10.79
CA ASN A 129 -11.35 9.59 10.95
C ASN A 129 -10.30 8.49 10.95
N LEU A 130 -10.59 7.41 11.66
CA LEU A 130 -9.73 6.25 11.66
C LEU A 130 -10.02 5.37 10.42
N ARG A 131 -9.07 4.44 10.17
CA ARG A 131 -9.31 3.44 9.11
C ARG A 131 -10.63 2.69 9.28
N GLU A 132 -10.99 2.38 10.54
CA GLU A 132 -12.24 1.66 10.76
C GLU A 132 -13.50 2.40 10.42
N ASN A 133 -13.37 3.70 10.12
CA ASN A 133 -14.53 4.48 9.73
C ASN A 133 -14.43 5.04 8.33
N ILE A 134 -13.52 4.50 7.47
CA ILE A 134 -13.32 5.01 6.10
C ILE A 134 -13.67 3.85 5.17
N GLU A 135 -14.70 3.99 4.35
CA GLU A 135 -15.09 2.87 3.46
C GLU A 135 -14.08 2.62 2.38
N LEU A 136 -13.94 1.34 2.00
CA LEU A 136 -13.10 0.89 0.87
C LEU A 136 -13.96 0.19 -0.16
N GLY A 137 -13.46 0.12 -1.39
CA GLY A 137 -14.16 -0.51 -2.51
C GLY A 137 -13.97 0.29 -3.74
N ASN A 138 -14.55 -0.09 -4.87
CA ASN A 138 -14.34 0.60 -6.10
C ASN A 138 -14.85 2.05 -6.06
N GLY A 139 -15.95 2.26 -5.35
CA GLY A 139 -16.58 3.56 -5.25
C GLY A 139 -15.66 4.51 -4.52
N PRO A 140 -15.17 4.08 -3.35
CA PRO A 140 -14.16 4.89 -2.63
C PRO A 140 -12.90 5.16 -3.50
N LEU A 141 -12.43 4.15 -4.20
CA LEU A 141 -11.22 4.36 -5.03
C LEU A 141 -11.48 5.39 -6.15
N GLU A 142 -12.57 5.27 -6.85
CA GLU A 142 -12.90 6.25 -7.89
C GLU A 142 -12.95 7.66 -7.33
N GLU A 143 -13.51 7.82 -6.14
CA GLU A 143 -13.60 9.14 -5.48
C GLU A 143 -12.23 9.55 -5.05
N ALA A 144 -11.40 8.67 -4.51
CA ALA A 144 -10.02 9.06 -4.10
C ALA A 144 -9.23 9.53 -5.26
N ILE A 145 -9.34 8.89 -6.42
CA ILE A 145 -8.58 9.30 -7.57
C ILE A 145 -9.00 10.77 -7.89
N SER A 146 -10.29 11.01 -8.02
CA SER A 146 -10.73 12.39 -8.32
C SER A 146 -10.22 13.41 -7.25
N ALA A 147 -10.24 13.03 -5.99
CA ALA A 147 -9.82 13.95 -4.92
C ALA A 147 -8.36 14.28 -5.05
N LEU A 148 -7.49 13.31 -5.31
CA LEU A 148 -6.06 13.53 -5.54
C LEU A 148 -5.92 14.38 -6.80
N TYR A 149 -6.68 14.16 -7.87
CA TYR A 149 -6.56 14.89 -9.10
C TYR A 149 -6.83 16.39 -8.84
N TYR A 150 -7.85 16.74 -8.08
CA TYR A 150 -8.24 18.11 -7.93
C TYR A 150 -7.43 18.80 -6.89
N TYR A 151 -6.55 18.17 -6.11
CA TYR A 151 -5.88 18.86 -5.02
C TYR A 151 -5.05 20.05 -5.50
N SER A 152 -4.39 20.02 -6.63
CA SER A 152 -3.49 21.15 -7.00
C SER A 152 -4.25 22.39 -7.37
N THR A 153 -5.53 22.22 -7.69
CA THR A 153 -6.37 23.35 -8.11
C THR A 153 -7.14 23.99 -6.96
N GLY A 154 -6.91 23.52 -5.74
CA GLY A 154 -7.58 24.09 -4.63
C GLY A 154 -8.91 23.49 -4.38
N GLY A 155 -9.30 22.48 -5.15
CA GLY A 155 -10.61 21.94 -5.03
C GLY A 155 -10.86 20.88 -3.98
N THR A 156 -9.82 20.39 -3.38
CA THR A 156 -9.93 19.23 -2.45
C THR A 156 -9.45 19.69 -1.10
N GLN A 157 -10.30 19.55 -0.09
CA GLN A 157 -9.95 19.88 1.31
C GLN A 157 -9.00 18.86 1.84
N LEU A 158 -8.10 19.24 2.70
CA LEU A 158 -7.10 18.38 3.28
C LEU A 158 -7.63 17.14 3.96
N PRO A 159 -8.73 17.14 4.72
CA PRO A 159 -9.15 15.91 5.35
C PRO A 159 -9.62 14.90 4.31
N THR A 160 -10.19 15.35 3.18
CA THR A 160 -10.57 14.47 2.09
C THR A 160 -9.35 14.01 1.35
N LEU A 161 -8.29 14.78 1.15
CA LEU A 161 -7.04 14.30 0.59
C LEU A 161 -6.50 13.20 1.46
N ALA A 162 -6.45 13.35 2.76
CA ALA A 162 -5.88 12.31 3.64
C ALA A 162 -6.76 11.06 3.66
N ARG A 163 -8.06 11.17 3.64
CA ARG A 163 -8.97 10.03 3.53
C ARG A 163 -8.67 9.28 2.26
N SER A 164 -8.48 9.98 1.16
CA SER A 164 -8.22 9.46 -0.16
C SER A 164 -6.87 8.76 -0.24
N PHE A 165 -5.80 9.23 0.40
CA PHE A 165 -4.63 8.48 0.53
C PHE A 165 -4.84 7.20 1.36
N ILE A 166 -5.57 7.22 2.47
CA ILE A 166 -5.86 6.03 3.28
C ILE A 166 -6.53 5.00 2.44
N ILE A 167 -7.45 5.33 1.52
CA ILE A 167 -8.12 4.40 0.68
C ILE A 167 -7.11 3.80 -0.28
N CYS A 168 -6.34 4.64 -0.97
CA CYS A 168 -5.35 4.11 -1.93
C CYS A 168 -4.32 3.23 -1.30
N ILE A 169 -3.79 3.56 -0.15
CA ILE A 169 -2.78 2.77 0.47
C ILE A 169 -3.31 1.37 0.78
N GLN A 170 -4.56 1.29 1.28
CA GLN A 170 -5.04 0.00 1.68
C GLN A 170 -5.42 -0.84 0.45
N MET A 171 -5.97 -0.23 -0.60
CA MET A 171 -6.45 -0.96 -1.72
C MET A 171 -5.28 -1.35 -2.68
N ILE A 172 -4.11 -0.78 -2.52
CA ILE A 172 -2.92 -1.03 -3.41
C ILE A 172 -1.83 -1.66 -2.57
N SER A 173 -1.21 -0.95 -1.67
CA SER A 173 -0.07 -1.45 -0.91
C SER A 173 -0.49 -2.57 0.04
N GLU A 174 -1.56 -2.42 0.80
CA GLU A 174 -1.94 -3.48 1.74
C GLU A 174 -2.41 -4.71 1.00
N ALA A 175 -3.14 -4.52 -0.09
CA ALA A 175 -3.55 -5.70 -0.90
C ALA A 175 -2.34 -6.39 -1.46
N ALA A 176 -1.29 -5.68 -1.93
CA ALA A 176 -0.06 -6.32 -2.38
C ALA A 176 0.57 -7.09 -1.24
N ARG A 177 0.64 -6.52 -0.05
CA ARG A 177 1.25 -7.21 1.07
C ARG A 177 0.50 -8.44 1.54
N PHE A 178 -0.83 -8.44 1.45
CA PHE A 178 -1.63 -9.50 1.99
C PHE A 178 -2.69 -9.98 1.02
N GLN A 179 -2.59 -11.24 0.60
CA GLN A 179 -3.69 -11.81 -0.19
C GLN A 179 -5.00 -11.73 0.55
N TYR A 180 -4.97 -11.83 1.85
CA TYR A 180 -6.24 -11.67 2.55
C TYR A 180 -6.91 -10.33 2.30
N ILE A 181 -6.10 -9.26 2.24
CA ILE A 181 -6.65 -7.89 2.05
C ILE A 181 -7.03 -7.75 0.60
N GLU A 182 -6.24 -8.32 -0.35
CA GLU A 182 -6.62 -8.36 -1.75
C GLU A 182 -8.01 -9.01 -1.85
N GLY A 183 -8.19 -10.13 -1.16
CA GLY A 183 -9.48 -10.82 -1.19
C GLY A 183 -10.62 -9.98 -0.66
N GLU A 184 -10.38 -9.18 0.42
CA GLU A 184 -11.40 -8.29 0.94
C GLU A 184 -11.84 -7.26 -0.09
N MET A 185 -10.90 -6.78 -0.90
CA MET A 185 -11.22 -5.82 -1.95
C MET A 185 -11.92 -6.47 -3.14
N ARG A 186 -11.50 -7.68 -3.48
CA ARG A 186 -12.18 -8.47 -4.50
C ARG A 186 -13.65 -8.69 -4.12
N THR A 187 -13.91 -9.02 -2.86
CA THR A 187 -15.33 -9.26 -2.39
C THR A 187 -16.13 -7.94 -2.59
N ARG A 188 -15.58 -6.78 -2.20
CA ARG A 188 -16.28 -5.53 -2.38
C ARG A 188 -16.60 -5.28 -3.83
N ILE A 189 -15.64 -5.53 -4.71
CA ILE A 189 -15.84 -5.34 -6.10
C ILE A 189 -16.92 -6.31 -6.62
N ARG A 190 -16.79 -7.59 -6.28
CA ARG A 190 -17.79 -8.59 -6.70
C ARG A 190 -19.21 -8.19 -6.44
N TYR A 191 -19.47 -7.64 -5.26
CA TYR A 191 -20.85 -7.32 -4.88
C TYR A 191 -21.10 -5.84 -4.99
N ASN A 192 -20.28 -5.06 -5.65
CA ASN A 192 -20.46 -3.57 -5.73
C ASN A 192 -20.77 -3.01 -4.36
N ARG A 193 -19.95 -3.39 -3.38
CA ARG A 193 -20.10 -2.88 -2.05
C ARG A 193 -19.01 -1.89 -1.68
N ARG A 194 -19.32 -1.04 -0.69
CA ARG A 194 -18.35 -0.14 -0.08
C ARG A 194 -18.53 -0.20 1.44
N SER A 195 -17.46 -0.50 2.16
CA SER A 195 -17.52 -0.70 3.59
C SER A 195 -16.13 -0.55 4.15
N ALA A 196 -16.05 -0.15 5.37
CA ALA A 196 -14.79 0.03 6.07
C ALA A 196 -14.14 -1.36 6.32
N PRO A 197 -12.85 -1.38 6.52
CA PRO A 197 -12.14 -2.64 6.85
C PRO A 197 -12.49 -3.06 8.29
N ASP A 198 -12.72 -4.36 8.43
CA ASP A 198 -13.05 -4.91 9.74
C ASP A 198 -11.81 -5.11 10.54
N PRO A 199 -11.89 -5.41 11.84
CA PRO A 199 -10.71 -5.51 12.70
C PRO A 199 -9.70 -6.51 12.22
N SER A 200 -10.12 -7.57 11.55
CA SER A 200 -9.16 -8.52 11.06
C SER A 200 -8.19 -7.82 10.08
N VAL A 201 -8.73 -6.99 9.18
CA VAL A 201 -7.91 -6.25 8.19
C VAL A 201 -7.02 -5.28 8.86
N ILE A 202 -7.58 -4.48 9.78
CA ILE A 202 -6.76 -3.44 10.47
C ILE A 202 -5.62 -3.99 11.25
N THR A 203 -5.86 -5.10 11.97
CA THR A 203 -4.79 -5.68 12.72
C THR A 203 -3.75 -6.38 11.89
N LEU A 204 -4.13 -6.95 10.74
CA LEU A 204 -3.09 -7.46 9.83
C LEU A 204 -2.23 -6.33 9.31
N GLU A 205 -2.87 -5.20 8.95
CA GLU A 205 -2.08 -4.04 8.42
C GLU A 205 -1.14 -3.59 9.52
N ASN A 206 -1.61 -3.51 10.77
CA ASN A 206 -0.78 -2.99 11.88
C ASN A 206 0.34 -3.95 12.22
N SER A 207 0.16 -5.20 11.88
CA SER A 207 1.09 -6.33 12.25
C SER A 207 2.09 -6.66 11.21
N TRP A 208 2.11 -5.98 10.06
CA TRP A 208 2.97 -6.43 8.96
C TRP A 208 4.42 -6.49 9.31
N GLY A 209 4.97 -5.48 9.96
CA GLY A 209 6.37 -5.49 10.33
C GLY A 209 6.65 -6.61 11.33
N ARG A 210 5.79 -6.77 12.30
CA ARG A 210 5.93 -7.75 13.34
C ARG A 210 5.87 -9.18 12.70
N LEU A 211 4.92 -9.38 11.79
CA LEU A 211 4.86 -10.72 11.15
C LEU A 211 6.08 -10.92 10.31
N SER A 212 6.58 -9.93 9.61
CA SER A 212 7.81 -10.08 8.72
C SER A 212 8.91 -10.52 9.62
N THR A 213 9.09 -9.90 10.76
CA THR A 213 10.15 -10.28 11.67
C THR A 213 9.97 -11.70 12.21
N ALA A 214 8.80 -12.04 12.67
CA ALA A 214 8.51 -13.33 13.33
C ALA A 214 8.70 -14.48 12.32
N ILE A 215 8.27 -14.32 11.04
CA ILE A 215 8.46 -15.37 10.03
C ILE A 215 9.95 -15.49 9.80
N GLN A 216 10.68 -14.39 9.61
CA GLN A 216 12.07 -14.48 9.21
C GLN A 216 12.96 -14.97 10.30
N GLU A 217 12.63 -14.80 11.57
CA GLU A 217 13.39 -15.39 12.69
C GLU A 217 12.85 -16.75 13.17
N SER A 218 11.80 -17.25 12.54
CA SER A 218 11.19 -18.53 12.97
C SER A 218 12.13 -19.77 12.93
N ASN A 219 11.78 -20.75 13.75
CA ASN A 219 12.55 -22.04 13.70
C ASN A 219 11.80 -22.99 12.80
N GLN A 220 12.21 -22.99 11.55
CA GLN A 220 11.55 -23.93 10.58
C GLN A 220 10.10 -23.65 10.45
N GLY A 221 9.76 -22.36 10.61
CA GLY A 221 8.36 -21.86 10.52
C GLY A 221 7.67 -21.66 11.84
N ALA A 222 8.17 -22.21 12.94
CA ALA A 222 7.54 -22.05 14.25
C ALA A 222 7.94 -20.72 14.86
N PHE A 223 6.98 -19.92 15.22
CA PHE A 223 7.30 -18.61 15.82
C PHE A 223 7.93 -18.79 17.18
N ALA A 224 8.86 -17.91 17.51
CA ALA A 224 9.48 -17.93 18.80
C ALA A 224 8.59 -17.64 20.00
N SER A 225 7.45 -17.01 19.73
CA SER A 225 6.42 -16.80 20.76
C SER A 225 5.15 -16.53 19.97
N PRO A 226 3.97 -16.78 20.53
CA PRO A 226 2.72 -16.65 19.68
C PRO A 226 2.44 -15.20 19.35
N ILE A 227 1.75 -15.00 18.24
CA ILE A 227 1.37 -13.61 17.87
C ILE A 227 -0.14 -13.59 17.89
N GLN A 228 -0.68 -12.50 18.42
CA GLN A 228 -2.11 -12.29 18.56
C GLN A 228 -2.55 -11.39 17.39
N LEU A 229 -3.51 -11.90 16.70
CA LEU A 229 -4.25 -11.21 15.61
C LEU A 229 -5.71 -11.11 15.97
N GLN A 230 -6.49 -10.40 15.19
CA GLN A 230 -7.94 -10.26 15.40
C GLN A 230 -8.71 -10.96 14.37
N ARG A 231 -9.78 -11.59 14.84
CA ARG A 231 -10.79 -12.15 13.95
C ARG A 231 -11.68 -11.03 13.44
N ARG A 232 -12.60 -11.34 12.53
CA ARG A 232 -13.50 -10.31 11.99
C ARG A 232 -14.34 -9.62 13.03
N ASN A 233 -14.70 -10.39 14.07
CA ASN A 233 -15.56 -9.87 15.15
C ASN A 233 -14.83 -9.12 16.24
N GLY A 234 -13.53 -8.95 16.03
CA GLY A 234 -12.73 -8.21 17.01
C GLY A 234 -12.07 -9.07 18.09
N SER A 235 -12.45 -10.33 18.19
CA SER A 235 -11.80 -11.24 19.15
C SER A 235 -10.34 -11.54 18.79
N LYS A 236 -9.49 -11.66 19.81
CA LYS A 236 -8.10 -11.99 19.61
C LYS A 236 -7.95 -13.48 19.47
N PHE A 237 -6.99 -13.96 18.68
CA PHE A 237 -6.61 -15.40 18.54
C PHE A 237 -5.12 -15.44 18.27
N SER A 238 -4.53 -16.56 18.61
CA SER A 238 -3.05 -16.70 18.48
C SER A 238 -2.70 -17.43 17.22
N VAL A 239 -1.57 -17.00 16.61
CA VAL A 239 -0.89 -17.74 15.53
C VAL A 239 0.50 -18.15 15.97
N TYR A 240 0.86 -19.38 15.63
CA TYR A 240 2.05 -20.01 16.15
C TYR A 240 3.03 -20.38 15.08
N ASP A 241 2.66 -20.31 13.81
CA ASP A 241 3.47 -20.88 12.72
C ASP A 241 3.20 -20.15 11.43
N VAL A 242 4.23 -20.03 10.61
CA VAL A 242 4.03 -19.47 9.30
C VAL A 242 3.06 -20.24 8.44
N SER A 243 2.87 -21.53 8.73
CA SER A 243 2.00 -22.34 7.84
C SER A 243 0.62 -21.75 7.71
N ILE A 244 0.04 -21.21 8.76
CA ILE A 244 -1.31 -20.70 8.70
C ILE A 244 -1.36 -19.41 7.92
N LEU A 245 -0.23 -18.76 7.77
CA LEU A 245 -0.17 -17.44 7.08
C LEU A 245 0.15 -17.56 5.66
N ILE A 246 0.44 -18.74 5.09
CA ILE A 246 0.78 -18.83 3.67
C ILE A 246 -0.29 -18.26 2.77
N PRO A 247 -1.55 -18.49 3.04
CA PRO A 247 -2.54 -17.91 2.12
C PRO A 247 -2.92 -16.47 2.50
N ILE A 248 -2.29 -15.88 3.51
CA ILE A 248 -2.67 -14.62 4.10
C ILE A 248 -1.68 -13.51 3.73
N ILE A 249 -0.37 -13.70 3.92
CA ILE A 249 0.64 -12.69 3.69
C ILE A 249 1.40 -13.04 2.46
N ALA A 250 1.57 -12.11 1.54
CA ALA A 250 2.18 -12.28 0.23
C ALA A 250 3.59 -11.79 0.14
N LEU A 251 3.92 -10.78 0.93
CA LEU A 251 5.22 -10.10 0.89
C LEU A 251 5.68 -9.77 2.32
N MET A 252 6.99 -9.61 2.50
CA MET A 252 7.54 -9.17 3.78
C MET A 252 8.57 -8.09 3.58
N VAL A 253 8.68 -7.20 4.55
CA VAL A 253 9.81 -6.29 4.56
C VAL A 253 11.04 -7.07 4.94
N TYR A 254 12.18 -6.72 4.40
CA TYR A 254 13.44 -7.44 4.61
C TYR A 254 13.93 -7.38 6.02
N ARG A 255 14.33 -8.57 6.49
CA ARG A 255 15.15 -8.78 7.73
C ARG A 255 16.33 -9.72 7.40
N CYS A 256 17.44 -9.54 8.08
CA CYS A 256 18.51 -10.52 7.82
C CYS A 256 18.13 -11.85 8.43
N ALA A 257 18.53 -12.95 7.81
CA ALA A 257 18.13 -14.20 8.43
C ALA A 257 18.93 -14.47 9.71
N PRO A 258 18.43 -15.34 10.59
CA PRO A 258 19.19 -15.65 11.80
C PRO A 258 20.63 -16.16 11.54
#